data_7HJI
#
_entry.id   7HJI
#
_cell.length_a   26.191
_cell.length_b   47.213
_cell.length_c   46.340
_cell.angle_alpha   90.000
_cell.angle_beta   103.250
_cell.angle_gamma   90.000
#
_symmetry.space_group_name_H-M   'P 1 21 1'
#
loop_
_entity.id
_entity.type
_entity.pdbx_description
1 polymer 'De novo designed ABLE protein'
2 non-polymer '(5-bromo-1H-indol-3-yl)acetic acid'
3 water water
#
_entity_poly.entity_id   1
_entity_poly.type   'polypeptide(L)'
_entity_poly.pdbx_seq_one_letter_code
;SVKSEYAEAAAVGQEAVAVFNTMKAAFQNGDKEAVAQYLARLASLYTRHEELLNRILEKARREGNKEAVTLMNEFTATFQ
TGKSIFNAMVAAFKNGDDDSFESYLQALEKVTAKGETLADQIAKAL
;
_entity_poly.pdbx_strand_id   A
#
loop_
_chem_comp.id
_chem_comp.type
_chem_comp.name
_chem_comp.formula
2SX non-polymer '(5-bromo-1H-indol-3-yl)acetic acid' 'C10 H8 Br N O2'
#
# COMPACT_ATOMS: atom_id res chain seq x y z
N SER A 1 20.10 9.99 -3.40
N SER A 1 20.20 9.80 -3.68
CA SER A 1 19.33 10.61 -4.50
CA SER A 1 19.35 10.66 -4.54
C SER A 1 17.85 10.33 -4.34
C SER A 1 17.88 10.32 -4.38
N VAL A 2 17.03 11.06 -5.09
CA VAL A 2 15.60 10.78 -5.08
C VAL A 2 15.35 9.37 -5.61
N LYS A 3 16.22 8.89 -6.50
N LYS A 3 16.22 8.88 -6.50
CA LYS A 3 16.01 7.57 -7.09
CA LYS A 3 16.04 7.52 -7.00
C LYS A 3 16.28 6.46 -6.07
C LYS A 3 16.32 6.48 -5.91
N SER A 4 17.29 6.65 -5.20
N SER A 4 17.33 6.74 -5.07
CA SER A 4 17.52 5.67 -4.15
CA SER A 4 17.59 5.83 -3.94
C SER A 4 16.47 5.79 -3.05
C SER A 4 16.44 5.88 -2.94
N GLU A 5 15.94 6.99 -2.83
N GLU A 5 15.87 7.05 -2.72
CA GLU A 5 14.82 7.12 -1.91
CA GLU A 5 14.73 7.15 -1.84
C GLU A 5 13.59 6.39 -2.46
C GLU A 5 13.51 6.45 -2.44
N TYR A 6 13.40 6.40 -3.77
CA TYR A 6 12.28 5.68 -4.35
C TYR A 6 12.49 4.16 -4.23
N ALA A 7 13.72 3.67 -4.36
CA ALA A 7 13.96 2.24 -4.16
C ALA A 7 13.63 1.82 -2.73
N GLU A 8 13.98 2.69 -1.77
N GLU A 8 13.91 2.70 -1.76
CA GLU A 8 13.70 2.42 -0.38
CA GLU A 8 13.47 2.45 -0.40
C GLU A 8 12.20 2.45 -0.10
C GLU A 8 11.95 2.33 -0.33
N ALA A 9 11.50 3.44 -0.64
N ALA A 9 11.23 3.23 -1.00
CA ALA A 9 10.06 3.48 -0.52
CA ALA A 9 9.78 3.17 -1.03
C ALA A 9 9.42 2.25 -1.15
C ALA A 9 9.29 1.89 -1.71
N ALA A 10 9.95 1.80 -2.30
N ALA A 10 9.93 1.48 -2.81
CA ALA A 10 9.37 0.63 -2.98
CA ALA A 10 9.51 0.24 -3.44
C ALA A 10 9.55 -0.65 -2.19
C ALA A 10 9.72 -0.93 -2.50
N ALA A 11 10.74 -0.85 -1.62
CA ALA A 11 10.95 -2.00 -0.74
C ALA A 11 9.91 -2.00 0.38
N VAL A 12 9.60 -0.85 0.95
CA VAL A 12 8.57 -0.79 2.00
C VAL A 12 7.21 -1.22 1.41
N GLY A 13 6.90 -0.79 0.20
N GLY A 13 6.90 -0.79 0.19
CA GLY A 13 5.70 -1.28 -0.45
CA GLY A 13 5.70 -1.28 -0.45
C GLY A 13 5.68 -2.80 -0.57
C GLY A 13 5.68 -2.80 -0.58
N GLN A 14 6.83 -3.39 -0.91
CA GLN A 14 6.90 -4.84 -1.04
C GLN A 14 6.79 -5.53 0.31
N GLU A 15 7.27 -4.90 1.37
CA GLU A 15 7.05 -5.44 2.71
C GLU A 15 5.56 -5.48 3.03
N ALA A 16 4.83 -4.44 2.63
CA ALA A 16 3.41 -4.45 2.88
C ALA A 16 2.71 -5.54 2.10
N VAL A 17 3.12 -5.75 0.84
N VAL A 17 3.15 -5.76 0.85
CA VAL A 17 2.54 -6.84 0.06
CA VAL A 17 2.62 -6.91 0.10
C VAL A 17 2.75 -8.16 0.77
C VAL A 17 2.84 -8.20 0.88
N ALA A 18 3.98 -8.42 1.22
N ALA A 18 4.00 -8.36 1.49
CA ALA A 18 4.27 -9.67 1.90
CA ALA A 18 4.30 -9.61 2.17
C ALA A 18 3.40 -9.81 3.14
C ALA A 18 3.41 -9.83 3.39
N VAL A 19 3.37 -8.78 3.98
N VAL A 19 3.26 -8.80 4.22
CA VAL A 19 2.55 -8.83 5.19
CA VAL A 19 2.49 -8.94 5.44
C VAL A 19 1.08 -8.98 4.82
C VAL A 19 1.00 -9.03 5.13
N PHE A 20 0.61 -8.24 3.80
N PHE A 20 0.55 -8.39 4.06
CA PHE A 20 -0.79 -8.34 3.41
CA PHE A 20 -0.82 -8.55 3.59
C PHE A 20 -1.15 -9.75 2.96
C PHE A 20 -1.13 -10.01 3.27
N ASN A 21 -0.27 -10.41 2.21
N ASN A 21 -0.23 -10.67 2.54
CA ASN A 21 -0.63 -11.75 1.75
CA ASN A 21 -0.50 -12.05 2.17
C ASN A 21 -0.61 -12.74 2.90
C ASN A 21 -0.54 -12.95 3.40
N THR A 22 0.28 -12.54 3.86
N THR A 22 0.36 -12.75 4.37
CA THR A 22 0.25 -13.36 5.07
CA THR A 22 0.29 -13.55 5.58
C THR A 22 -1.04 -13.12 5.85
C THR A 22 -0.96 -13.23 6.39
N MET A 23 -1.50 -11.87 5.88
N MET A 23 -1.44 -12.00 6.32
CA MET A 23 -2.68 -11.48 6.63
CA MET A 23 -2.68 -11.67 7.00
C MET A 23 -3.94 -12.07 5.99
C MET A 23 -3.87 -12.32 6.28
N LYS A 24 -3.98 -12.11 4.66
N LYS A 24 -3.86 -12.28 4.95
CA LYS A 24 -5.09 -12.73 3.95
CA LYS A 24 -4.93 -12.91 4.16
C LYS A 24 -5.19 -14.21 4.32
C LYS A 24 -5.02 -14.40 4.51
N ALA A 25 -4.04 -14.89 4.39
N ALA A 25 -3.88 -15.07 4.59
CA ALA A 25 -4.08 -16.30 4.78
CA ALA A 25 -3.89 -16.49 4.95
C ALA A 25 -4.61 -16.45 6.20
C ALA A 25 -4.43 -16.69 6.36
N ALA A 26 -4.21 -15.56 7.10
N ALA A 26 -4.03 -15.84 7.31
CA ALA A 26 -4.68 -15.61 8.47
CA ALA A 26 -4.47 -15.97 8.68
C ALA A 26 -6.20 -15.36 8.54
C ALA A 26 -5.97 -15.72 8.82
N PHE A 27 -6.68 -14.38 7.79
N PHE A 27 -6.52 -14.77 8.05
CA PHE A 27 -8.12 -14.09 7.73
CA PHE A 27 -7.96 -14.53 8.05
C PHE A 27 -8.89 -15.31 7.27
C PHE A 27 -8.69 -15.74 7.48
N GLN A 28 -8.46 -15.91 6.15
N GLN A 28 -8.17 -16.33 6.41
CA GLN A 28 -9.13 -17.10 5.65
CA GLN A 28 -8.80 -17.52 5.85
C GLN A 28 -9.18 -18.19 6.72
C GLN A 28 -8.71 -18.69 6.82
N ASN A 29 -8.09 -18.35 7.49
N ASN A 29 -7.61 -18.77 7.57
CA ASN A 29 -8.02 -19.38 8.53
CA ASN A 29 -7.45 -19.86 8.51
C ASN A 29 -8.78 -19.01 9.81
C ASN A 29 -8.17 -19.59 9.83
N GLY A 30 -9.33 -17.81 9.91
N GLY A 30 -8.72 -18.40 10.02
CA GLY A 30 -10.03 -17.43 11.12
CA GLY A 30 -9.43 -18.08 11.26
C GLY A 30 -9.16 -17.14 12.32
C GLY A 30 -8.55 -17.66 12.43
N ASP A 31 -7.88 -16.83 12.10
N ASP A 31 -7.31 -17.24 12.17
CA ASP A 31 -6.92 -16.60 13.18
CA ASP A 31 -6.40 -16.77 13.22
C ASP A 31 -6.84 -15.10 13.51
C ASP A 31 -6.67 -15.27 13.38
N LYS A 32 -7.91 -14.62 14.16
N LYS A 32 -7.64 -14.94 14.22
CA LYS A 32 -8.12 -13.17 14.30
CA LYS A 32 -8.06 -13.54 14.34
C LYS A 32 -7.04 -12.51 15.14
C LYS A 32 -7.04 -12.73 15.12
N GLU A 33 -6.41 -13.23 16.07
N GLU A 33 -6.42 -13.34 16.14
CA GLU A 33 -5.32 -12.63 16.84
CA GLU A 33 -5.31 -12.70 16.84
C GLU A 33 -4.13 -12.29 15.95
C GLU A 33 -4.23 -12.25 15.86
N ALA A 34 -3.83 -13.16 14.97
CA ALA A 34 -2.81 -12.84 13.98
C ALA A 34 -3.24 -11.69 13.10
N VAL A 35 -4.48 -11.74 12.61
N VAL A 35 -4.48 -11.76 12.59
CA VAL A 35 -4.96 -10.66 11.74
CA VAL A 35 -4.95 -10.72 11.68
C VAL A 35 -4.81 -9.31 12.43
C VAL A 35 -4.83 -9.34 12.34
N ALA A 36 -5.20 -9.23 13.71
N ALA A 36 -5.26 -9.23 13.61
CA ALA A 36 -5.07 -7.98 14.45
CA ALA A 36 -5.21 -7.94 14.29
C ALA A 36 -3.63 -7.45 14.39
C ALA A 36 -3.79 -7.40 14.31
N GLN A 37 -2.66 -8.34 14.56
N GLN A 37 -2.83 -8.23 14.70
CA GLN A 37 -1.28 -7.88 14.57
CA GLN A 37 -1.44 -7.79 14.74
C GLN A 37 -0.80 -7.51 13.16
C GLN A 37 -0.96 -7.39 13.34
N TYR A 38 -1.19 -8.29 12.16
N TYR A 38 -1.23 -8.21 12.33
CA TYR A 38 -0.83 -7.93 10.78
CA TYR A 38 -0.80 -7.87 10.97
C TYR A 38 -1.47 -6.60 10.37
C TYR A 38 -1.42 -6.56 10.50
N LEU A 39 -2.67 -6.27 10.89
N LEU A 39 -2.73 -6.36 10.69
CA LEU A 39 -3.31 -4.99 10.56
CA LEU A 39 -3.33 -5.10 10.28
C LEU A 39 -2.60 -3.81 11.24
C LEU A 39 -2.59 -3.91 10.90
N ALA A 40 -2.10 -4.01 12.46
N ALA A 40 -2.27 -3.98 12.20
CA ALA A 40 -1.24 -2.99 13.06
CA ALA A 40 -1.54 -2.89 12.85
C ALA A 40 0.04 -2.81 12.23
C ALA A 40 -0.15 -2.71 12.25
N ARG A 41 0.67 -3.93 11.84
N ARG A 41 0.51 -3.82 11.90
CA ARG A 41 1.92 -3.86 11.08
CA ARG A 41 1.80 -3.73 11.20
C ARG A 41 1.72 -3.19 9.73
C ARG A 41 1.62 -3.05 9.85
N LEU A 42 0.60 -3.48 9.07
CA LEU A 42 0.29 -2.85 7.80
C LEU A 42 0.02 -1.35 7.95
N ALA A 43 -0.67 -0.94 9.01
N ALA A 43 -0.69 -0.95 9.00
CA ALA A 43 -0.89 0.50 9.19
CA ALA A 43 -0.98 0.47 9.19
C ALA A 43 0.46 1.23 9.26
C ALA A 43 0.30 1.26 9.40
N SER A 44 1.36 0.73 10.08
N SER A 44 1.28 0.65 10.03
CA SER A 44 2.66 1.37 10.23
CA SER A 44 2.56 1.31 10.23
C SER A 44 3.44 1.38 8.90
C SER A 44 3.34 1.42 8.93
N LEU A 45 3.34 0.29 8.14
N LEU A 45 3.44 0.31 8.20
CA LEU A 45 3.95 0.22 6.82
CA LEU A 45 4.19 0.27 6.95
C LEU A 45 3.32 1.22 5.86
C LEU A 45 3.66 1.28 5.96
N TYR A 46 1.99 1.36 5.88
N TYR A 46 2.35 1.28 5.72
CA TYR A 46 1.37 2.30 4.97
CA TYR A 46 1.81 2.19 4.73
C TYR A 46 1.66 3.73 5.37
C TYR A 46 1.92 3.65 5.18
N THR A 47 1.70 4.02 6.67
N THR A 47 1.95 3.91 6.49
CA THR A 47 2.02 5.38 7.10
CA THR A 47 2.31 5.25 6.96
C THR A 47 3.47 5.75 6.75
C THR A 47 3.73 5.61 6.48
N ARG A 48 4.39 4.77 6.79
N ARG A 48 4.69 4.71 6.69
CA ARG A 48 5.77 5.02 6.40
CA ARG A 48 6.05 4.96 6.22
C ARG A 48 5.87 5.26 4.90
C ARG A 48 6.13 5.02 4.71
N HIS A 49 5.34 4.32 4.11
N HIS A 49 5.33 4.21 4.02
CA HIS A 49 5.32 4.46 2.65
CA HIS A 49 5.32 4.28 2.57
C HIS A 49 4.75 5.81 2.24
C HIS A 49 4.85 5.66 2.10
N GLU A 50 3.59 6.17 2.82
N GLU A 50 3.78 6.17 2.71
CA GLU A 50 2.90 7.40 2.42
CA GLU A 50 3.28 7.49 2.36
C GLU A 50 3.78 8.61 2.64
C GLU A 50 4.32 8.57 2.63
N GLU A 51 4.46 8.66 3.80
N GLU A 51 5.08 8.41 3.72
CA GLU A 51 5.33 9.79 4.09
CA GLU A 51 6.08 9.42 4.05
C GLU A 51 6.54 9.81 3.15
C GLU A 51 7.17 9.46 3.00
N LEU A 52 7.11 8.65 2.85
N LEU A 52 7.64 8.29 2.55
CA LEU A 52 8.27 8.59 1.95
CA LEU A 52 8.61 8.25 1.47
C LEU A 52 7.90 9.05 0.54
C LEU A 52 8.03 8.79 0.16
N LEU A 53 6.78 8.57 -0.01
N LEU A 53 6.75 8.52 -0.09
CA LEU A 53 6.31 9.02 -1.31
CA LEU A 53 6.13 8.98 -1.33
C LEU A 53 6.08 10.53 -1.33
C LEU A 53 6.00 10.50 -1.35
N ASN A 54 5.62 11.09 -0.21
N ASN A 54 5.57 11.11 -0.24
CA ASN A 54 5.40 12.53 -0.19
CA ASN A 54 5.41 12.55 -0.24
C ASN A 54 6.70 13.28 -0.29
C ASN A 54 6.75 13.24 -0.38
N ARG A 55 7.77 12.73 0.31
CA ARG A 55 9.08 13.35 0.21
C ARG A 55 9.64 13.26 -1.21
N ILE A 56 9.40 12.13 -1.88
CA ILE A 56 9.83 11.97 -3.26
C ILE A 56 9.11 12.98 -4.17
N LEU A 57 7.78 13.07 -4.01
CA LEU A 57 7.02 14.02 -4.81
C LEU A 57 7.50 15.44 -4.56
N GLU A 58 7.68 15.83 -3.31
CA GLU A 58 8.14 17.19 -3.03
C GLU A 58 9.53 17.45 -3.62
N LYS A 59 10.40 16.44 -3.61
CA LYS A 59 11.74 16.60 -4.19
C LYS A 59 11.68 16.72 -5.70
N ALA A 60 10.86 15.90 -6.33
CA ALA A 60 10.70 16.03 -7.77
C ALA A 60 10.19 17.41 -8.15
N ARG A 61 9.29 17.99 -7.33
CA ARG A 61 8.77 19.34 -7.58
C ARG A 61 9.90 20.37 -7.45
N ARG A 62 10.70 20.25 -6.40
CA ARG A 62 11.79 21.22 -6.20
C ARG A 62 12.85 21.11 -7.30
N GLU A 63 13.03 19.92 -7.88
N GLU A 63 13.03 19.92 -7.88
CA GLU A 63 13.95 19.68 -8.97
CA GLU A 63 13.96 19.67 -8.96
C GLU A 63 13.38 20.09 -10.32
C GLU A 63 13.36 20.01 -10.32
N GLY A 64 12.08 20.39 -10.37
CA GLY A 64 11.44 20.75 -11.63
C GLY A 64 11.27 19.59 -12.59
N ASN A 65 11.14 18.37 -12.08
CA ASN A 65 11.07 17.17 -12.91
C ASN A 65 9.60 16.95 -13.24
N LYS A 66 9.13 17.65 -14.26
N LYS A 66 9.13 17.65 -14.27
CA LYS A 66 7.69 17.71 -14.52
CA LYS A 66 7.69 17.71 -14.52
C LYS A 66 7.10 16.33 -14.74
C LYS A 66 7.09 16.34 -14.74
N GLU A 67 7.78 15.47 -15.50
CA GLU A 67 7.19 14.15 -15.75
C GLU A 67 7.11 13.33 -14.49
N ALA A 68 8.16 13.36 -13.67
CA ALA A 68 8.08 12.64 -12.42
C ALA A 68 6.99 13.18 -11.50
N VAL A 69 6.78 14.49 -11.50
CA VAL A 69 5.71 15.07 -10.68
C VAL A 69 4.34 14.59 -11.15
N THR A 70 4.13 14.57 -12.45
CA THR A 70 2.86 14.08 -13.00
C THR A 70 2.58 12.65 -12.55
N LEU A 71 3.55 11.77 -12.74
CA LEU A 71 3.37 10.37 -12.40
C LEU A 71 3.20 10.20 -10.90
N MET A 72 3.98 10.95 -10.09
CA MET A 72 3.84 10.84 -8.64
C MET A 72 2.52 11.40 -8.13
N ASN A 73 1.99 12.46 -8.77
CA ASN A 73 0.64 12.90 -8.40
C ASN A 73 -0.39 11.81 -8.69
N GLU A 74 -0.30 11.17 -9.85
N GLU A 74 -0.30 11.17 -9.87
CA GLU A 74 -1.27 10.11 -10.16
CA GLU A 74 -1.19 10.05 -10.19
C GLU A 74 -1.13 8.96 -9.17
C GLU A 74 -0.97 8.88 -9.23
N PHE A 75 0.10 8.59 -8.83
N PHE A 75 0.30 8.55 -8.97
CA PHE A 75 0.31 7.45 -7.95
CA PHE A 75 0.63 7.41 -8.14
C PHE A 75 -0.12 7.76 -6.52
C PHE A 75 0.12 7.59 -6.71
N THR A 76 0.21 8.96 -6.02
N THR A 76 0.35 8.78 -6.14
CA THR A 76 -0.19 9.28 -4.65
CA THR A 76 -0.13 9.05 -4.79
C THR A 76 -1.71 9.47 -4.54
C THR A 76 -1.66 8.97 -4.73
N ALA A 77 -2.39 9.82 -5.62
N ALA A 77 -2.36 9.43 -5.77
CA ALA A 77 -3.84 9.82 -5.56
CA ALA A 77 -3.81 9.40 -5.71
C ALA A 77 -4.37 8.39 -5.40
C ALA A 77 -4.33 7.97 -5.65
N THR A 78 -3.83 7.46 -6.20
N THR A 78 -3.73 7.08 -6.43
CA THR A 78 -4.26 6.08 -6.12
CA THR A 78 -4.10 5.67 -6.37
C THR A 78 -3.88 5.48 -4.77
C THR A 78 -3.82 5.08 -4.99
N PHE A 79 -2.68 5.79 -4.28
N PHE A 79 -2.70 5.48 -4.37
CA PHE A 79 -2.32 5.34 -2.94
CA PHE A 79 -2.43 4.97 -3.03
C PHE A 79 -3.44 5.63 -1.94
C PHE A 79 -3.24 5.67 -1.94
N GLN A 80 -4.03 6.83 -2.01
N GLN A 80 -3.90 6.78 -2.23
CA GLN A 80 -5.15 7.16 -1.13
CA GLN A 80 -4.83 7.36 -1.26
C GLN A 80 -6.36 6.26 -1.37
C GLN A 80 -6.20 6.68 -1.26
N THR A 81 -6.62 5.85 -2.61
N THR A 81 -6.62 6.16 -2.42
CA THR A 81 -7.71 4.89 -2.86
CA THR A 81 -7.77 5.26 -2.46
C THR A 81 -7.44 3.59 -2.13
C THR A 81 -7.51 4.02 -1.62
N GLY A 82 -6.22 3.07 -2.28
N GLY A 82 -6.30 3.48 -1.72
CA GLY A 82 -5.84 1.89 -1.53
CA GLY A 82 -5.93 2.34 -0.91
C GLY A 82 -5.93 2.11 -0.03
C GLY A 82 -6.07 2.63 0.57
N LYS A 83 -5.40 3.24 0.45
N LYS A 83 -5.65 3.83 0.98
CA LYS A 83 -5.41 3.49 1.90
CA LYS A 83 -5.76 4.22 2.38
C LYS A 83 -6.84 3.57 2.44
C LYS A 83 -7.22 4.20 2.84
N SER A 84 -7.74 4.19 1.69
N SER A 84 -8.12 4.80 2.07
CA SER A 84 -9.14 4.25 2.11
CA SER A 84 -9.53 4.80 2.45
C SER A 84 -9.76 2.86 2.16
C SER A 84 -10.06 3.37 2.55
N ILE A 85 -9.45 2.02 1.18
N ILE A 85 -9.74 2.53 1.57
CA ILE A 85 -10.00 0.67 1.19
CA ILE A 85 -10.23 1.16 1.61
C ILE A 85 -9.42 -0.11 2.36
C ILE A 85 -9.60 0.38 2.75
N PHE A 86 -8.13 0.08 2.65
N PHE A 86 -8.30 0.61 3.00
CA PHE A 86 -7.53 -0.58 3.81
CA PHE A 86 -7.65 -0.01 4.14
C PHE A 86 -8.23 -0.15 5.10
C PHE A 86 -8.34 0.35 5.43
N ASN A 87 -8.46 1.16 5.26
N ASN A 87 -8.58 1.64 5.64
CA ASN A 87 -9.04 1.64 6.52
CA ASN A 87 -9.34 2.02 6.82
C ASN A 87 -10.46 1.09 6.74
C ASN A 87 -10.67 1.29 6.86
N ALA A 88 -11.29 1.09 5.69
CA ALA A 88 -12.58 0.42 5.74
C ALA A 88 -12.45 -1.06 6.12
N MET A 89 -11.42 -1.74 5.62
CA MET A 89 -11.17 -3.12 5.98
C MET A 89 -10.90 -3.28 7.47
N VAL A 90 -10.11 -2.36 8.03
CA VAL A 90 -9.81 -2.37 9.47
C VAL A 90 -11.11 -2.21 10.25
N ALA A 91 -11.98 -1.32 9.79
CA ALA A 91 -13.25 -1.09 10.47
C ALA A 91 -14.13 -2.31 10.41
N ALA A 92 -14.12 -2.98 9.26
CA ALA A 92 -14.89 -4.23 9.13
C ALA A 92 -14.37 -5.31 10.06
N PHE A 93 -13.05 -5.38 10.26
CA PHE A 93 -12.52 -6.35 11.21
C PHE A 93 -12.95 -6.02 12.63
N LYS A 94 -12.85 -4.75 13.02
N LYS A 94 -12.90 -4.74 13.00
CA LYS A 94 -13.33 -4.34 14.33
CA LYS A 94 -13.32 -4.31 14.32
C LYS A 94 -14.79 -4.72 14.52
C LYS A 94 -14.81 -4.57 14.55
N ASN A 95 -15.62 -4.51 13.50
CA ASN A 95 -17.05 -4.74 13.60
C ASN A 95 -17.44 -6.19 13.46
N GLY A 96 -16.49 -7.08 13.19
CA GLY A 96 -16.83 -8.48 13.01
C GLY A 96 -17.57 -8.81 11.74
N ASP A 97 -17.41 -7.99 10.70
CA ASP A 97 -18.14 -8.11 9.44
C ASP A 97 -17.21 -8.77 8.41
N ASP A 98 -17.19 -10.10 8.43
N ASP A 98 -17.20 -10.11 8.42
CA ASP A 98 -16.28 -10.82 7.55
CA ASP A 98 -16.28 -10.84 7.55
C ASP A 98 -16.65 -10.61 6.08
C ASP A 98 -16.66 -10.70 6.08
N ASP A 99 -17.94 -10.47 5.79
CA ASP A 99 -18.34 -10.23 4.40
C ASP A 99 -17.71 -8.95 3.86
N SER A 100 -17.85 -7.84 4.59
CA SER A 100 -17.21 -6.60 4.18
C SER A 100 -15.69 -6.74 4.16
N PHE A 101 -15.12 -7.42 5.16
CA PHE A 101 -13.67 -7.57 5.17
C PHE A 101 -13.19 -8.25 3.89
N GLU A 102 -13.82 -9.38 3.52
N GLU A 102 -13.84 -9.36 3.52
CA GLU A 102 -13.49 -10.05 2.27
CA GLU A 102 -13.50 -10.07 2.28
C GLU A 102 -13.56 -9.11 1.08
C GLU A 102 -13.59 -9.16 1.07
N SER A 103 -14.65 -8.35 0.99
CA SER A 103 -14.84 -7.42 -0.13
C SER A 103 -13.73 -6.39 -0.21
N TYR A 104 -13.49 -5.70 0.90
N TYR A 104 -13.45 -5.74 0.91
CA TYR A 104 -12.44 -4.68 0.92
CA TYR A 104 -12.36 -4.75 0.94
C TYR A 104 -11.07 -5.27 0.60
C TYR A 104 -11.01 -5.42 0.71
N LEU A 105 -10.83 -6.51 1.02
N LEU A 105 -10.79 -6.59 1.30
CA LEU A 105 -9.54 -7.13 0.76
CA LEU A 105 -9.54 -7.31 1.04
C LEU A 105 -9.28 -7.29 -0.74
C LEU A 105 -9.37 -7.56 -0.45
N GLN A 106 -10.27 -7.83 -1.46
N GLN A 106 -10.46 -7.89 -1.16
CA GLN A 106 -10.15 -7.99 -2.90
CA GLN A 106 -10.38 -8.10 -2.59
C GLN A 106 -9.99 -6.65 -3.61
C GLN A 106 -10.16 -6.81 -3.35
N ALA A 107 -10.76 -5.65 -3.17
N ALA A 107 -10.91 -5.76 -2.99
CA ALA A 107 -10.62 -4.31 -3.75
CA ALA A 107 -10.76 -4.47 -3.67
C ALA A 107 -9.21 -3.78 -3.57
C ALA A 107 -9.35 -3.93 -3.51
N LEU A 108 -8.63 -4.00 -2.38
N LEU A 108 -8.77 -4.06 -2.32
CA LEU A 108 -7.27 -3.52 -2.14
CA LEU A 108 -7.46 -3.46 -2.05
C LEU A 108 -6.24 -4.26 -2.99
C LEU A 108 -6.39 -4.07 -2.94
N GLU A 109 -6.50 -5.54 -3.28
N GLU A 109 -6.53 -5.36 -3.28
CA GLU A 109 -5.60 -6.29 -4.16
CA GLU A 109 -5.58 -5.99 -4.19
C GLU A 109 -5.68 -5.76 -5.58
C GLU A 109 -5.63 -5.34 -5.56
N LYS A 110 -6.88 -5.45 -6.07
N LYS A 110 -6.84 -5.10 -6.08
CA LYS A 110 -7.03 -4.98 -7.44
CA LYS A 110 -6.94 -4.57 -7.44
C LYS A 110 -6.50 -3.56 -7.60
C LYS A 110 -6.48 -3.12 -7.50
N VAL A 111 -6.77 -2.68 -6.63
N VAL A 111 -6.78 -2.33 -6.46
CA VAL A 111 -6.22 -1.33 -6.66
CA VAL A 111 -6.23 -0.98 -6.37
C VAL A 111 -4.69 -1.36 -6.71
C VAL A 111 -4.71 -1.03 -6.26
N THR A 112 -4.08 -2.19 -5.85
N THR A 112 -4.18 -1.99 -5.49
CA THR A 112 -2.63 -2.32 -5.85
CA THR A 112 -2.74 -2.08 -5.28
C THR A 112 -2.13 -2.88 -7.17
C THR A 112 -2.01 -2.42 -6.58
N ALA A 113 -2.74 -3.97 -7.64
N ALA A 113 -2.51 -3.41 -7.31
CA ALA A 113 -2.31 -4.57 -8.89
CA ALA A 113 -1.87 -3.80 -8.56
C ALA A 113 -2.36 -3.58 -10.04
C ALA A 113 -1.92 -2.64 -9.57
N LYS A 114 -3.41 -2.75 -10.10
N LYS A 114 -3.05 -1.92 -9.64
CA LYS A 114 -3.53 -1.77 -11.18
CA LYS A 114 -3.18 -0.87 -10.63
C LYS A 114 -2.39 -0.77 -11.14
C LYS A 114 -2.19 0.26 -10.38
N GLY A 115 -2.03 -0.30 -9.95
N GLY A 115 -2.01 0.63 -9.11
CA GLY A 115 -1.05 0.76 -9.83
CA GLY A 115 -0.97 1.59 -8.80
C GLY A 115 0.40 0.31 -9.94
C GLY A 115 0.40 1.11 -9.25
N GLU A 116 0.64 -0.85 -10.55
N GLU A 116 0.68 -0.17 -9.03
CA GLU A 116 2.01 -1.34 -10.63
CA GLU A 116 2.00 -0.70 -9.33
C GLU A 116 2.73 -0.85 -11.89
C GLU A 116 2.35 -0.56 -10.80
N THR A 117 2.04 -0.75 -13.01
N THR A 117 1.37 -0.47 -11.70
CA THR A 117 2.72 -0.20 -14.18
CA THR A 117 1.66 -0.34 -13.11
C THR A 117 3.18 1.24 -13.91
C THR A 117 2.27 1.02 -13.47
N LEU A 118 2.37 2.02 -13.18
N LEU A 118 2.29 1.98 -12.53
CA LEU A 118 2.77 3.38 -12.82
CA LEU A 118 2.95 3.27 -12.74
C LEU A 118 3.88 3.40 -11.78
C LEU A 118 4.38 3.29 -12.20
N ALA A 119 3.86 2.47 -10.82
N ALA A 119 4.77 2.30 -11.39
CA ALA A 119 4.96 2.38 -9.87
CA ALA A 119 6.02 2.39 -10.65
C ALA A 119 6.28 2.16 -10.60
C ALA A 119 7.23 2.41 -11.57
N ASP A 120 6.30 1.25 -11.57
N ASP A 120 7.14 1.76 -12.72
CA ASP A 120 7.54 1.00 -12.31
CA ASP A 120 8.29 1.65 -13.61
C ASP A 120 7.88 2.14 -13.26
C ASP A 120 8.48 2.95 -14.40
N GLN A 121 6.88 2.90 -13.73
N GLN A 121 7.37 3.56 -14.82
CA GLN A 121 7.18 4.07 -14.55
CA GLN A 121 7.41 4.87 -15.47
C GLN A 121 7.90 5.15 -13.74
C GLN A 121 8.01 5.93 -14.55
N ILE A 122 7.55 5.26 -12.47
N ILE A 122 7.70 5.86 -13.26
CA ILE A 122 8.14 6.30 -11.63
CA ILE A 122 8.27 6.80 -12.30
C ILE A 122 9.62 6.01 -11.39
C ILE A 122 9.78 6.60 -12.22
N ALA A 123 9.96 4.74 -11.20
N ALA A 123 10.22 5.35 -12.12
CA ALA A 123 11.37 4.40 -11.03
CA ALA A 123 11.64 5.07 -11.99
C ALA A 123 12.20 4.89 -12.21
C ALA A 123 12.42 5.70 -13.13
N LYS A 124 11.70 4.70 -13.42
N LYS A 124 11.88 5.66 -14.35
CA LYS A 124 12.43 5.09 -14.61
CA LYS A 124 12.58 6.23 -15.50
C LYS A 124 12.46 6.60 -14.82
C LYS A 124 12.52 7.75 -15.49
N ALA A 125 11.49 7.31 -14.24
N ALA A 125 11.57 8.35 -14.78
CA ALA A 125 11.37 8.74 -14.48
CA ALA A 125 11.39 9.79 -14.84
C ALA A 125 12.25 9.59 -13.58
C ALA A 125 12.16 10.53 -13.76
N LEU A 126 12.62 9.11 -12.42
N LEU A 126 12.36 9.92 -12.59
CA LEU A 126 13.26 9.95 -11.41
CA LEU A 126 13.03 10.60 -11.50
C LEU A 126 14.74 10.16 -11.67
C LEU A 126 14.39 11.11 -11.91
O14 2SX B . 0.78 4.29 1.09
C12 2SX B . 0.32 5.44 0.95
O13 2SX B . 0.89 6.33 0.27
C11 2SX B . -1.00 5.88 1.61
C9 2SX B . -1.54 4.99 2.70
C5 2SX B . -2.04 3.66 2.57
C4 2SX B . -2.18 2.75 1.49
C1 2SX B . -2.72 1.47 1.68
BR1 2SX B . -2.86 0.32 0.17
C8 2SX B . -1.69 5.33 4.02
N7 2SX B . -2.25 4.27 4.71
C6 2SX B . -2.50 3.22 3.86
C3 2SX B . -3.03 1.93 4.05
C2 2SX B . -3.14 1.07 2.95
H2 2SX B . -0.83 6.88 1.99
H3 2SX B . -1.75 6.00 0.83
H4 2SX B . -1.85 3.06 0.50
H5 2SX B . -1.44 6.26 4.53
H6 2SX B . -2.45 4.29 5.70
H7 2SX B . -3.35 1.63 5.03
H8 2SX B . -3.55 0.08 3.09
#